data_1UIZ
#
_entry.id   1UIZ
#
_cell.length_a   94.410
_cell.length_b   94.410
_cell.length_c   115.580
_cell.angle_alpha   90.00
_cell.angle_beta   90.00
_cell.angle_gamma   120.00
#
_symmetry.space_group_name_H-M   'H 3'
#
loop_
_entity.id
_entity.type
_entity.pdbx_description
1 polymer 'Macrophage Migration Inhibitory Factor'
2 water water
#
_entity_poly.entity_id   1
_entity_poly.type   'polypeptide(L)'
_entity_poly.pdbx_seq_one_letter_code
;MPVFTIRTNVCRDSVPDTLLSDLTKQLAKATGKPAEYIAIHIVPDQIMSFGDSTDPCAVCSLCSIGKIGGPQNKSYTKLL
CDILTKQLNIPANRVYINYYDLNAANVGWNGSTFA
;
_entity_poly.pdbx_strand_id   A,B,C,D
#
# COMPACT_ATOMS: atom_id res chain seq x y z
N MET A 1 -9.70 18.75 -0.87
CA MET A 1 -9.90 18.32 0.56
C MET A 1 -10.30 16.85 0.57
N PRO A 2 -9.28 15.97 0.53
CA PRO A 2 -9.30 14.50 0.51
C PRO A 2 -9.80 13.67 1.69
N VAL A 3 -10.25 12.47 1.34
CA VAL A 3 -10.72 11.47 2.28
C VAL A 3 -10.11 10.19 1.74
N PHE A 4 -9.51 9.38 2.61
CA PHE A 4 -8.92 8.12 2.19
C PHE A 4 -9.40 7.03 3.10
N THR A 5 -10.00 6.00 2.52
CA THR A 5 -10.47 4.93 3.39
C THR A 5 -9.90 3.58 2.96
N ILE A 6 -9.73 2.70 3.94
CA ILE A 6 -9.22 1.34 3.72
C ILE A 6 -10.28 0.35 4.19
N ARG A 7 -10.70 -0.54 3.29
CA ARG A 7 -11.66 -1.56 3.64
C ARG A 7 -10.89 -2.86 3.48
N THR A 8 -10.64 -3.55 4.59
CA THR A 8 -9.88 -4.80 4.56
C THR A 8 -10.46 -5.90 5.41
N ASN A 9 -10.07 -7.13 5.12
CA ASN A 9 -10.54 -8.28 5.90
C ASN A 9 -9.62 -8.51 7.09
N VAL A 10 -8.45 -7.86 7.08
CA VAL A 10 -7.51 -7.96 8.20
C VAL A 10 -8.27 -7.58 9.48
N CYS A 11 -7.91 -8.21 10.59
CA CYS A 11 -8.60 -7.95 11.86
C CYS A 11 -8.17 -6.66 12.55
N ARG A 12 -9.14 -6.03 13.20
CA ARG A 12 -8.96 -4.78 13.92
C ARG A 12 -7.66 -4.74 14.73
N ASP A 13 -7.29 -5.89 15.28
CA ASP A 13 -6.11 -5.98 16.12
C ASP A 13 -4.78 -5.83 15.43
N SER A 14 -4.76 -5.88 14.10
CA SER A 14 -3.51 -5.75 13.38
C SER A 14 -3.37 -4.33 12.88
N VAL A 15 -4.32 -3.49 13.27
CA VAL A 15 -4.34 -2.08 12.86
C VAL A 15 -3.41 -1.23 13.75
N PRO A 16 -2.23 -0.87 13.22
CA PRO A 16 -1.31 -0.07 14.00
C PRO A 16 -2.04 1.15 14.54
N ASP A 17 -1.86 1.45 15.82
CA ASP A 17 -2.52 2.59 16.43
C ASP A 17 -1.90 3.89 15.90
N THR A 18 -1.02 3.77 14.92
CA THR A 18 -0.38 4.92 14.31
C THR A 18 -1.03 5.28 12.96
N LEU A 19 -1.45 4.26 12.22
CA LEU A 19 -2.05 4.43 10.90
C LEU A 19 -2.78 5.73 10.64
N LEU A 20 -3.74 6.06 11.49
CA LEU A 20 -4.51 7.30 11.31
C LEU A 20 -3.62 8.54 11.16
N SER A 21 -2.79 8.85 12.15
CA SER A 21 -1.90 10.03 12.05
C SER A 21 -0.95 9.84 10.89
N ASP A 22 -0.53 8.59 10.71
CA ASP A 22 0.39 8.14 9.69
C ASP A 22 -0.06 8.45 8.25
N LEU A 23 -1.25 7.98 7.89
CA LEU A 23 -1.81 8.18 6.56
C LEU A 23 -2.15 9.66 6.38
N THR A 24 -2.38 10.36 7.49
CA THR A 24 -2.73 11.77 7.43
C THR A 24 -1.49 12.58 7.07
N LYS A 25 -0.41 12.28 7.77
CA LYS A 25 0.86 12.96 7.57
C LYS A 25 1.38 12.76 6.16
N GLN A 26 1.30 11.52 5.70
CA GLN A 26 1.77 11.15 4.38
C GLN A 26 0.95 11.72 3.23
N LEU A 27 -0.36 11.48 3.24
CA LEU A 27 -1.22 12.00 2.18
C LEU A 27 -1.10 13.52 2.11
N ALA A 28 -1.05 14.16 3.27
CA ALA A 28 -0.88 15.60 3.33
C ALA A 28 0.30 16.03 2.44
N LYS A 29 1.47 15.41 2.66
CA LYS A 29 2.65 15.73 1.85
C LYS A 29 2.36 15.38 0.40
N ALA A 30 2.12 14.09 0.16
CA ALA A 30 1.84 13.59 -1.17
C ALA A 30 0.98 14.52 -1.99
N THR A 31 -0.27 14.71 -1.58
CA THR A 31 -1.21 15.57 -2.31
C THR A 31 -0.99 17.06 -2.08
N GLY A 32 -0.12 17.41 -1.13
CA GLY A 32 0.12 18.80 -0.86
C GLY A 32 -1.14 19.50 -0.42
N LYS A 33 -2.03 18.78 0.26
CA LYS A 33 -3.27 19.37 0.77
C LYS A 33 -3.24 19.42 2.29
N PRO A 34 -3.83 20.47 2.89
CA PRO A 34 -3.89 20.65 4.36
C PRO A 34 -4.22 19.38 5.15
N ALA A 35 -3.37 19.09 6.13
CA ALA A 35 -3.57 17.93 6.98
C ALA A 35 -4.91 18.00 7.73
N GLU A 36 -5.37 19.21 7.99
CA GLU A 36 -6.63 19.42 8.71
C GLU A 36 -7.84 19.07 7.86
N TYR A 37 -7.67 19.17 6.54
CA TYR A 37 -8.76 18.87 5.63
C TYR A 37 -8.80 17.44 5.13
N ILE A 38 -8.00 16.57 5.74
CA ILE A 38 -7.94 15.16 5.37
C ILE A 38 -8.60 14.30 6.45
N ALA A 39 -9.46 13.40 5.99
CA ALA A 39 -10.15 12.49 6.90
C ALA A 39 -9.78 11.06 6.47
N ILE A 40 -9.44 10.21 7.43
CA ILE A 40 -9.08 8.83 7.15
C ILE A 40 -10.08 7.91 7.79
N HIS A 41 -10.46 6.87 7.06
CA HIS A 41 -11.43 5.89 7.54
C HIS A 41 -10.86 4.47 7.37
N ILE A 42 -10.73 3.75 8.47
CA ILE A 42 -10.19 2.39 8.43
C ILE A 42 -11.27 1.38 8.80
N VAL A 43 -11.52 0.43 7.89
CA VAL A 43 -12.53 -0.60 8.09
C VAL A 43 -11.99 -2.06 8.07
N PRO A 44 -11.69 -2.61 9.25
CA PRO A 44 -11.17 -3.98 9.36
C PRO A 44 -12.26 -5.03 9.63
N ASP A 45 -11.85 -6.24 9.99
CA ASP A 45 -12.77 -7.35 10.31
C ASP A 45 -13.79 -7.65 9.22
N GLN A 46 -13.59 -7.07 8.05
CA GLN A 46 -14.49 -7.22 6.93
C GLN A 46 -14.51 -8.56 6.18
N ILE A 47 -15.69 -8.88 5.63
CA ILE A 47 -15.89 -10.10 4.84
C ILE A 47 -15.58 -9.83 3.37
N MET A 48 -14.37 -10.15 2.94
CA MET A 48 -14.03 -9.94 1.54
C MET A 48 -13.04 -10.94 0.99
N SER A 49 -13.11 -11.11 -0.32
CA SER A 49 -12.22 -12.02 -1.02
C SER A 49 -11.60 -11.26 -2.20
N PHE A 50 -10.50 -11.78 -2.68
CA PHE A 50 -9.81 -11.16 -3.80
C PHE A 50 -9.30 -12.34 -4.61
N GLY A 51 -9.66 -12.38 -5.90
CA GLY A 51 -9.23 -13.48 -6.73
C GLY A 51 -9.72 -14.80 -6.14
N ASP A 52 -10.81 -14.74 -5.38
CA ASP A 52 -11.40 -15.91 -4.78
C ASP A 52 -10.61 -16.45 -3.57
N SER A 53 -9.86 -15.58 -2.92
CA SER A 53 -9.09 -15.97 -1.76
C SER A 53 -9.48 -15.03 -0.62
N THR A 54 -9.70 -15.57 0.56
CA THR A 54 -10.08 -14.73 1.69
C THR A 54 -8.85 -14.25 2.47
N ASP A 55 -7.69 -14.36 1.84
CA ASP A 55 -6.45 -13.92 2.46
C ASP A 55 -6.45 -12.40 2.50
N PRO A 56 -5.60 -11.79 3.35
CA PRO A 56 -5.50 -10.33 3.49
C PRO A 56 -5.47 -9.54 2.19
N CYS A 57 -6.45 -8.64 2.06
CA CYS A 57 -6.59 -7.81 0.88
C CYS A 57 -7.23 -6.48 1.28
N ALA A 58 -7.40 -5.57 0.33
CA ALA A 58 -8.00 -4.30 0.65
C ALA A 58 -8.52 -3.56 -0.58
N VAL A 59 -9.62 -2.85 -0.40
CA VAL A 59 -10.18 -2.04 -1.46
C VAL A 59 -10.27 -0.67 -0.82
N CYS A 60 -9.45 0.23 -1.33
CA CYS A 60 -9.37 1.58 -0.80
C CYS A 60 -9.94 2.56 -1.80
N SER A 61 -10.06 3.81 -1.36
CA SER A 61 -10.56 4.87 -2.20
C SER A 61 -10.05 6.17 -1.68
N LEU A 62 -9.58 7.00 -2.61
CA LEU A 62 -9.06 8.31 -2.27
C LEU A 62 -9.91 9.32 -3.02
N CYS A 63 -10.68 10.13 -2.29
CA CYS A 63 -11.52 11.17 -2.89
C CYS A 63 -10.85 12.50 -2.60
N SER A 64 -10.64 13.29 -3.63
CA SER A 64 -9.99 14.58 -3.46
C SER A 64 -10.47 15.57 -4.48
N ILE A 65 -10.66 16.82 -4.06
CA ILE A 65 -11.08 17.87 -4.99
C ILE A 65 -9.79 18.31 -5.67
N GLY A 66 -9.43 17.61 -6.74
CA GLY A 66 -8.20 17.91 -7.44
C GLY A 66 -7.08 17.04 -6.89
N LYS A 67 -5.86 17.30 -7.32
CA LYS A 67 -4.69 16.51 -6.89
C LYS A 67 -4.84 15.09 -7.40
N ILE A 68 -5.73 14.90 -8.38
CA ILE A 68 -5.97 13.59 -8.99
C ILE A 68 -5.67 13.67 -10.47
N GLY A 69 -4.81 12.77 -10.94
CA GLY A 69 -4.44 12.74 -12.34
C GLY A 69 -3.70 11.47 -12.74
N GLY A 70 -3.07 11.50 -13.90
CA GLY A 70 -2.34 10.33 -14.36
C GLY A 70 -1.19 9.98 -13.44
N PRO A 71 -0.02 10.59 -13.66
CA PRO A 71 1.14 10.31 -12.81
C PRO A 71 0.89 10.44 -11.31
N GLN A 72 -0.04 11.30 -10.91
CA GLN A 72 -0.31 11.43 -9.48
C GLN A 72 -0.76 10.09 -8.89
N ASN A 73 -1.89 9.56 -9.39
CA ASN A 73 -2.43 8.29 -8.92
C ASN A 73 -1.39 7.15 -8.80
N LYS A 74 -0.44 7.07 -9.72
CA LYS A 74 0.60 6.03 -9.65
C LYS A 74 1.44 6.32 -8.41
N SER A 75 1.89 7.55 -8.32
CA SER A 75 2.68 7.98 -7.18
C SER A 75 1.92 7.59 -5.88
N TYR A 76 0.66 8.01 -5.77
CA TYR A 76 -0.15 7.69 -4.59
C TYR A 76 -0.17 6.19 -4.30
N THR A 77 -0.46 5.41 -5.34
CA THR A 77 -0.52 3.95 -5.21
C THR A 77 0.74 3.38 -4.57
N LYS A 78 1.89 3.60 -5.19
CA LYS A 78 3.15 3.10 -4.65
C LYS A 78 3.28 3.52 -3.19
N LEU A 79 2.88 4.77 -2.88
CA LEU A 79 2.93 5.30 -1.53
C LEU A 79 2.01 4.49 -0.62
N LEU A 80 0.71 4.51 -0.93
CA LEU A 80 -0.29 3.77 -0.16
C LEU A 80 -0.03 2.25 -0.10
N CYS A 81 0.50 1.69 -1.19
CA CYS A 81 0.79 0.26 -1.19
C CYS A 81 1.97 -0.07 -0.29
N ASP A 82 2.94 0.85 -0.20
CA ASP A 82 4.10 0.64 0.67
C ASP A 82 3.63 0.66 2.11
N ILE A 83 2.80 1.66 2.43
CA ILE A 83 2.26 1.82 3.77
C ILE A 83 1.35 0.69 4.20
N LEU A 84 0.53 0.21 3.27
CA LEU A 84 -0.39 -0.85 3.60
C LEU A 84 0.25 -2.22 3.87
N THR A 85 1.34 -2.55 3.19
CA THR A 85 1.96 -3.86 3.44
C THR A 85 2.78 -3.76 4.72
N LYS A 86 3.49 -2.66 4.89
CA LYS A 86 4.31 -2.46 6.07
C LYS A 86 3.47 -2.43 7.35
N GLN A 87 2.43 -1.60 7.36
CA GLN A 87 1.59 -1.45 8.54
C GLN A 87 0.52 -2.52 8.76
N LEU A 88 -0.19 -2.91 7.70
CA LEU A 88 -1.26 -3.91 7.83
C LEU A 88 -0.88 -5.29 7.33
N ASN A 89 0.32 -5.41 6.76
CA ASN A 89 0.81 -6.67 6.24
C ASN A 89 -0.03 -7.17 5.07
N ILE A 90 -0.51 -6.22 4.27
CA ILE A 90 -1.31 -6.53 3.09
C ILE A 90 -0.47 -6.44 1.83
N PRO A 91 -0.30 -7.57 1.12
CA PRO A 91 0.49 -7.59 -0.10
C PRO A 91 -0.04 -6.60 -1.12
N ALA A 92 0.88 -5.97 -1.85
CA ALA A 92 0.53 -4.96 -2.87
C ALA A 92 -0.41 -5.47 -3.97
N ASN A 93 -0.24 -6.73 -4.36
CA ASN A 93 -1.06 -7.35 -5.43
C ASN A 93 -2.52 -7.65 -5.05
N ARG A 94 -2.85 -7.63 -3.76
CA ARG A 94 -4.22 -7.90 -3.32
C ARG A 94 -4.82 -6.63 -2.78
N VAL A 95 -4.60 -5.54 -3.52
CA VAL A 95 -5.09 -4.22 -3.13
C VAL A 95 -5.51 -3.35 -4.32
N TYR A 96 -6.73 -2.83 -4.24
CA TYR A 96 -7.25 -1.94 -5.27
C TYR A 96 -7.42 -0.59 -4.62
N ILE A 97 -7.25 0.48 -5.40
CA ILE A 97 -7.45 1.82 -4.87
C ILE A 97 -8.19 2.62 -5.91
N ASN A 98 -9.38 3.05 -5.57
CA ASN A 98 -10.16 3.85 -6.48
C ASN A 98 -9.90 5.33 -6.20
N TYR A 99 -9.37 6.02 -7.20
CA TYR A 99 -9.08 7.45 -7.09
C TYR A 99 -10.23 8.25 -7.67
N TYR A 100 -10.64 9.32 -6.99
CA TYR A 100 -11.77 10.17 -7.42
C TYR A 100 -11.46 11.66 -7.34
N ASP A 101 -11.75 12.39 -8.41
CA ASP A 101 -11.54 13.84 -8.46
C ASP A 101 -12.90 14.51 -8.25
N LEU A 102 -13.17 14.96 -7.04
CA LEU A 102 -14.46 15.58 -6.75
C LEU A 102 -14.55 17.04 -7.21
N ASN A 103 -15.77 17.47 -7.51
CA ASN A 103 -16.03 18.83 -7.93
C ASN A 103 -16.47 19.58 -6.68
N ALA A 104 -15.82 20.72 -6.40
CA ALA A 104 -16.11 21.52 -5.22
C ALA A 104 -17.60 21.71 -4.93
N ALA A 105 -18.39 21.96 -5.97
CA ALA A 105 -19.83 22.14 -5.78
C ALA A 105 -20.54 20.88 -5.27
N ASN A 106 -19.87 19.73 -5.36
CA ASN A 106 -20.42 18.46 -4.89
C ASN A 106 -19.84 17.94 -3.56
N VAL A 107 -19.29 18.83 -2.76
CA VAL A 107 -18.71 18.44 -1.48
C VAL A 107 -19.19 19.33 -0.34
N GLY A 108 -20.20 18.86 0.38
CA GLY A 108 -20.70 19.63 1.49
C GLY A 108 -19.72 19.62 2.64
N TRP A 109 -19.62 20.75 3.33
CA TRP A 109 -18.74 20.87 4.48
C TRP A 109 -19.14 22.04 5.37
N ASN A 110 -19.23 21.76 6.67
CA ASN A 110 -19.58 22.77 7.66
C ASN A 110 -20.80 23.60 7.32
N GLY A 111 -21.79 23.03 6.65
CA GLY A 111 -22.98 23.81 6.35
C GLY A 111 -23.19 24.21 4.90
N SER A 112 -22.12 24.23 4.13
CA SER A 112 -22.22 24.57 2.73
C SER A 112 -21.29 23.65 1.94
N THR A 113 -20.94 24.06 0.72
CA THR A 113 -20.05 23.25 -0.12
C THR A 113 -18.78 24.05 -0.37
N PHE A 114 -17.86 23.48 -1.14
CA PHE A 114 -16.60 24.17 -1.45
C PHE A 114 -16.74 25.05 -2.68
N ALA A 115 -17.97 25.18 -3.18
CA ALA A 115 -18.25 26.00 -4.34
C ALA A 115 -18.62 27.39 -3.82
N MET B 1 -11.41 -4.61 -14.29
CA MET B 1 -11.06 -5.35 -13.03
C MET B 1 -11.99 -4.89 -11.92
N PRO B 2 -13.19 -5.48 -11.86
CA PRO B 2 -14.31 -5.27 -10.94
C PRO B 2 -14.20 -5.58 -9.45
N VAL B 3 -15.06 -4.87 -8.70
CA VAL B 3 -15.22 -5.02 -7.26
C VAL B 3 -16.72 -4.95 -7.07
N PHE B 4 -17.27 -5.86 -6.29
CA PHE B 4 -18.71 -5.85 -6.05
C PHE B 4 -18.94 -5.95 -4.56
N THR B 5 -19.65 -4.99 -4.00
CA THR B 5 -19.90 -5.07 -2.57
C THR B 5 -21.39 -5.04 -2.25
N ILE B 6 -21.76 -5.71 -1.16
CA ILE B 6 -23.13 -5.77 -0.68
C ILE B 6 -23.18 -5.17 0.73
N ARG B 7 -24.02 -4.15 0.91
CA ARG B 7 -24.18 -3.52 2.21
C ARG B 7 -25.63 -3.83 2.56
N THR B 8 -25.84 -4.66 3.59
CA THR B 8 -27.18 -5.05 4.01
C THR B 8 -27.38 -5.04 5.52
N ASN B 9 -28.65 -4.97 5.93
CA ASN B 9 -28.98 -4.99 7.35
C ASN B 9 -29.13 -6.43 7.81
N VAL B 10 -29.21 -7.37 6.87
CA VAL B 10 -29.30 -8.79 7.22
C VAL B 10 -28.12 -9.14 8.13
N CYS B 11 -28.33 -10.05 9.06
CA CYS B 11 -27.28 -10.42 10.01
C CYS B 11 -26.23 -11.36 9.44
N ARG B 12 -24.98 -11.15 9.88
CA ARG B 12 -23.82 -11.93 9.47
C ARG B 12 -24.12 -13.43 9.36
N ASP B 13 -24.95 -13.92 10.27
CA ASP B 13 -25.28 -15.33 10.33
C ASP B 13 -26.12 -15.88 9.19
N SER B 14 -26.68 -15.00 8.38
CA SER B 14 -27.51 -15.47 7.27
C SER B 14 -26.69 -15.41 5.99
N VAL B 15 -25.40 -15.09 6.15
CA VAL B 15 -24.49 -14.99 5.03
C VAL B 15 -23.95 -16.36 4.62
N PRO B 16 -24.47 -16.92 3.52
CA PRO B 16 -23.99 -18.24 3.09
C PRO B 16 -22.48 -18.20 3.00
N ASP B 17 -21.83 -19.24 3.51
CA ASP B 17 -20.38 -19.30 3.49
C ASP B 17 -19.90 -19.57 2.08
N THR B 18 -20.83 -19.55 1.13
CA THR B 18 -20.51 -19.77 -0.28
C THR B 18 -20.46 -18.44 -1.07
N LEU B 19 -21.32 -17.50 -0.69
CA LEU B 19 -21.43 -16.21 -1.36
C LEU B 19 -20.18 -15.69 -2.02
N LEU B 20 -19.09 -15.57 -1.25
CA LEU B 20 -17.84 -15.04 -1.78
C LEU B 20 -17.39 -15.75 -3.07
N SER B 21 -17.17 -17.07 -3.02
CA SER B 21 -16.75 -17.81 -4.22
C SER B 21 -17.84 -17.72 -5.27
N ASP B 22 -19.08 -17.76 -4.78
CA ASP B 22 -20.29 -17.69 -5.57
C ASP B 22 -20.42 -16.44 -6.47
N LEU B 23 -20.33 -15.26 -5.86
CA LEU B 23 -20.42 -14.00 -6.57
C LEU B 23 -19.21 -13.82 -7.44
N THR B 24 -18.11 -14.47 -7.09
CA THR B 24 -16.88 -14.36 -7.85
C THR B 24 -17.00 -15.14 -9.15
N LYS B 25 -17.50 -16.37 -9.03
CA LYS B 25 -17.69 -17.26 -10.16
C LYS B 25 -18.68 -16.68 -11.14
N GLN B 26 -19.78 -16.16 -10.60
CA GLN B 26 -20.82 -15.57 -11.42
C GLN B 26 -20.44 -14.28 -12.14
N LEU B 27 -19.97 -13.29 -11.39
CA LEU B 27 -19.58 -12.03 -11.99
C LEU B 27 -18.50 -12.26 -13.05
N ALA B 28 -17.57 -13.17 -12.76
CA ALA B 28 -16.52 -13.51 -13.69
C ALA B 28 -17.14 -13.85 -15.06
N LYS B 29 -18.10 -14.77 -15.07
CA LYS B 29 -18.78 -15.14 -16.31
C LYS B 29 -19.50 -13.93 -16.88
N ALA B 30 -20.46 -13.43 -16.12
CA ALA B 30 -21.25 -12.27 -16.50
C ALA B 30 -20.43 -11.21 -17.22
N THR B 31 -19.50 -10.59 -16.50
CA THR B 31 -18.67 -9.52 -17.07
C THR B 31 -17.53 -10.03 -17.96
N GLY B 32 -17.32 -11.34 -17.98
CA GLY B 32 -16.26 -11.88 -18.79
C GLY B 32 -14.92 -11.33 -18.38
N LYS B 33 -14.75 -11.03 -17.09
CA LYS B 33 -13.48 -10.53 -16.58
C LYS B 33 -12.83 -11.57 -15.67
N PRO B 34 -11.49 -11.66 -15.68
CA PRO B 34 -10.73 -12.61 -14.86
C PRO B 34 -11.21 -12.74 -13.40
N ALA B 35 -11.46 -13.97 -12.98
CA ALA B 35 -11.91 -14.24 -11.62
C ALA B 35 -10.90 -13.76 -10.59
N GLU B 36 -9.61 -13.76 -10.97
CA GLU B 36 -8.55 -13.33 -10.07
C GLU B 36 -8.56 -11.82 -9.84
N TYR B 37 -9.09 -11.07 -10.81
CA TYR B 37 -9.16 -9.63 -10.71
C TYR B 37 -10.45 -9.09 -10.11
N ILE B 38 -11.25 -9.97 -9.54
CA ILE B 38 -12.51 -9.59 -8.92
C ILE B 38 -12.40 -9.69 -7.40
N ALA B 39 -12.86 -8.65 -6.72
CA ALA B 39 -12.84 -8.63 -5.27
C ALA B 39 -14.30 -8.44 -4.80
N ILE B 40 -14.73 -9.23 -3.82
CA ILE B 40 -16.09 -9.11 -3.30
C ILE B 40 -16.04 -8.68 -1.84
N HIS B 41 -16.95 -7.78 -1.48
CA HIS B 41 -17.01 -7.26 -0.12
C HIS B 41 -18.45 -7.38 0.39
N ILE B 42 -18.62 -8.12 1.49
CA ILE B 42 -19.94 -8.32 2.07
C ILE B 42 -20.03 -7.62 3.43
N VAL B 43 -21.02 -6.73 3.58
CA VAL B 43 -21.22 -5.98 4.82
C VAL B 43 -22.60 -6.17 5.46
N PRO B 44 -22.70 -7.11 6.43
CA PRO B 44 -23.96 -7.38 7.12
C PRO B 44 -24.11 -6.61 8.44
N ASP B 45 -25.10 -7.01 9.25
CA ASP B 45 -25.36 -6.40 10.56
C ASP B 45 -25.54 -4.89 10.53
N GLN B 46 -25.67 -4.33 9.33
CA GLN B 46 -25.79 -2.90 9.14
C GLN B 46 -27.11 -2.22 9.50
N ILE B 47 -26.99 -0.94 9.89
CA ILE B 47 -28.14 -0.11 10.27
C ILE B 47 -28.69 0.60 9.03
N MET B 48 -29.70 0.03 8.40
CA MET B 48 -30.28 0.68 7.24
C MET B 48 -31.77 0.44 7.08
N SER B 49 -32.39 1.39 6.38
CA SER B 49 -33.80 1.31 6.12
C SER B 49 -34.02 1.54 4.61
N PHE B 50 -35.16 1.11 4.13
CA PHE B 50 -35.48 1.26 2.72
C PHE B 50 -36.96 1.58 2.72
N GLY B 51 -37.34 2.70 2.11
CA GLY B 51 -38.73 3.08 2.07
C GLY B 51 -39.27 3.23 3.49
N ASP B 52 -38.36 3.50 4.43
CA ASP B 52 -38.72 3.69 5.82
C ASP B 52 -39.04 2.38 6.56
N SER B 53 -38.48 1.29 6.07
CA SER B 53 -38.69 -0.01 6.70
C SER B 53 -37.32 -0.58 7.00
N THR B 54 -37.15 -1.15 8.19
CA THR B 54 -35.86 -1.72 8.54
C THR B 54 -35.78 -3.19 8.17
N ASP B 55 -36.70 -3.63 7.31
CA ASP B 55 -36.74 -5.02 6.86
C ASP B 55 -35.56 -5.23 5.93
N PRO B 56 -35.17 -6.50 5.69
CA PRO B 56 -34.04 -6.86 4.82
C PRO B 56 -33.97 -6.11 3.49
N CYS B 57 -32.86 -5.43 3.29
CA CYS B 57 -32.62 -4.64 2.08
C CYS B 57 -31.12 -4.62 1.80
N ALA B 58 -30.73 -3.99 0.70
CA ALA B 58 -29.32 -3.91 0.36
C ALA B 58 -29.00 -2.79 -0.63
N VAL B 59 -27.82 -2.20 -0.45
CA VAL B 59 -27.36 -1.19 -1.37
C VAL B 59 -25.99 -1.72 -1.79
N CYS B 60 -25.92 -2.12 -3.06
CA CYS B 60 -24.72 -2.68 -3.61
C CYS B 60 -24.09 -1.74 -4.60
N SER B 61 -22.90 -2.11 -5.05
CA SER B 61 -22.17 -1.31 -6.01
C SER B 61 -21.22 -2.22 -6.74
N LEU B 62 -21.18 -2.05 -8.05
CA LEU B 62 -20.29 -2.81 -8.91
C LEU B 62 -19.41 -1.81 -9.64
N CYS B 63 -18.12 -1.85 -9.34
CA CYS B 63 -17.14 -0.95 -9.97
C CYS B 63 -16.33 -1.82 -10.92
N SER B 64 -16.25 -1.39 -12.18
CA SER B 64 -15.51 -2.16 -13.16
C SER B 64 -14.93 -1.25 -14.21
N ILE B 65 -13.71 -1.54 -14.65
CA ILE B 65 -13.08 -0.77 -15.71
C ILE B 65 -13.66 -1.32 -17.00
N GLY B 66 -14.81 -0.78 -17.40
CA GLY B 66 -15.47 -1.26 -18.60
C GLY B 66 -16.47 -2.34 -18.21
N LYS B 67 -17.06 -2.99 -19.21
CA LYS B 67 -18.06 -4.03 -18.97
C LYS B 67 -19.29 -3.40 -18.33
N ILE B 68 -19.39 -2.07 -18.42
CA ILE B 68 -20.51 -1.33 -17.87
C ILE B 68 -21.21 -0.56 -18.99
N GLY B 69 -22.51 -0.78 -19.11
CA GLY B 69 -23.29 -0.12 -20.13
C GLY B 69 -24.79 -0.24 -19.91
N GLY B 70 -25.55 0.06 -20.97
CA GLY B 70 -26.99 -0.03 -20.86
C GLY B 70 -27.46 -1.44 -20.59
N PRO B 71 -27.67 -2.24 -21.64
CA PRO B 71 -28.12 -3.62 -21.45
C PRO B 71 -27.29 -4.43 -20.47
N GLN B 72 -26.00 -4.14 -20.34
CA GLN B 72 -25.19 -4.89 -19.39
C GLN B 72 -25.75 -4.77 -17.98
N ASN B 73 -25.81 -3.54 -17.46
CA ASN B 73 -26.31 -3.30 -16.11
C ASN B 73 -27.64 -3.99 -15.78
N LYS B 74 -28.57 -4.06 -16.75
CA LYS B 74 -29.84 -4.75 -16.52
C LYS B 74 -29.53 -6.23 -16.30
N SER B 75 -28.77 -6.79 -17.23
CA SER B 75 -28.38 -8.18 -17.13
C SER B 75 -27.78 -8.43 -15.73
N TYR B 76 -26.79 -7.63 -15.34
CA TYR B 76 -26.14 -7.78 -14.04
C TYR B 76 -27.18 -7.75 -12.89
N THR B 77 -28.06 -6.75 -12.93
CA THR B 77 -29.10 -6.61 -11.91
C THR B 77 -29.89 -7.89 -11.72
N LYS B 78 -30.57 -8.34 -12.78
CA LYS B 78 -31.34 -9.58 -12.70
C LYS B 78 -30.48 -10.69 -12.09
N LEU B 79 -29.22 -10.77 -12.51
CA LEU B 79 -28.27 -11.76 -12.00
C LEU B 79 -28.08 -11.58 -10.51
N LEU B 80 -27.55 -10.42 -10.13
CA LEU B 80 -27.30 -10.10 -8.72
C LEU B 80 -28.57 -10.13 -7.85
N CYS B 81 -29.71 -9.73 -8.41
CA CYS B 81 -30.95 -9.77 -7.65
C CYS B 81 -31.42 -11.19 -7.42
N ASP B 82 -31.17 -12.08 -8.38
CA ASP B 82 -31.55 -13.48 -8.23
C ASP B 82 -30.72 -14.09 -7.11
N ILE B 83 -29.41 -13.82 -7.16
CA ILE B 83 -28.47 -14.35 -6.17
C ILE B 83 -28.72 -13.81 -4.78
N LEU B 84 -29.04 -12.53 -4.69
CA LEU B 84 -29.26 -11.92 -3.40
C LEU B 84 -30.51 -12.39 -2.65
N THR B 85 -31.59 -12.71 -3.37
CA THR B 85 -32.80 -13.17 -2.67
C THR B 85 -32.62 -14.63 -2.30
N LYS B 86 -32.06 -15.40 -3.22
CA LYS B 86 -31.84 -16.81 -2.98
C LYS B 86 -30.88 -17.04 -1.81
N GLN B 87 -29.72 -16.39 -1.85
CA GLN B 87 -28.71 -16.57 -0.81
C GLN B 87 -28.91 -15.80 0.50
N LEU B 88 -29.26 -14.52 0.40
CA LEU B 88 -29.46 -13.69 1.59
C LEU B 88 -30.92 -13.47 1.97
N ASN B 89 -31.84 -13.95 1.13
CA ASN B 89 -33.25 -13.80 1.39
C ASN B 89 -33.70 -12.34 1.34
N ILE B 90 -33.06 -11.57 0.47
CA ILE B 90 -33.37 -10.17 0.28
C ILE B 90 -34.23 -9.97 -0.96
N PRO B 91 -35.47 -9.48 -0.77
CA PRO B 91 -36.39 -9.25 -1.89
C PRO B 91 -35.77 -8.31 -2.92
N ALA B 92 -36.03 -8.59 -4.20
CA ALA B 92 -35.49 -7.79 -5.30
C ALA B 92 -35.86 -6.29 -5.25
N ASN B 93 -37.07 -5.99 -4.78
CA ASN B 93 -37.56 -4.60 -4.70
C ASN B 93 -36.92 -3.74 -3.59
N ARG B 94 -36.21 -4.36 -2.65
CA ARG B 94 -35.57 -3.60 -1.58
C ARG B 94 -34.07 -3.67 -1.76
N VAL B 95 -33.64 -3.50 -3.01
CA VAL B 95 -32.23 -3.56 -3.37
C VAL B 95 -31.84 -2.58 -4.47
N TYR B 96 -30.81 -1.79 -4.20
CA TYR B 96 -30.29 -0.85 -5.17
C TYR B 96 -28.90 -1.33 -5.54
N ILE B 97 -28.48 -1.08 -6.77
CA ILE B 97 -27.15 -1.45 -7.19
C ILE B 97 -26.59 -0.31 -8.02
N ASN B 98 -25.51 0.29 -7.54
CA ASN B 98 -24.88 1.37 -8.25
C ASN B 98 -23.76 0.79 -9.12
N TYR B 99 -23.90 0.99 -10.43
CA TYR B 99 -22.91 0.49 -11.40
C TYR B 99 -21.95 1.64 -11.75
N TYR B 100 -20.65 1.35 -11.80
CA TYR B 100 -19.62 2.35 -12.09
C TYR B 100 -18.59 1.88 -13.11
N ASP B 101 -18.33 2.72 -14.11
CA ASP B 101 -17.34 2.40 -15.15
C ASP B 101 -16.06 3.17 -14.83
N LEU B 102 -15.09 2.52 -14.22
CA LEU B 102 -13.85 3.20 -13.84
C LEU B 102 -12.88 3.39 -15.00
N ASN B 103 -12.06 4.43 -14.89
CA ASN B 103 -11.05 4.72 -15.91
C ASN B 103 -9.75 4.12 -15.40
N ALA B 104 -9.09 3.32 -16.24
CA ALA B 104 -7.85 2.65 -15.86
C ALA B 104 -6.85 3.52 -15.12
N ALA B 105 -6.68 4.76 -15.57
CA ALA B 105 -5.77 5.68 -14.92
C ALA B 105 -6.17 6.02 -13.47
N ASN B 106 -7.42 5.73 -13.12
CA ASN B 106 -7.93 6.00 -11.76
C ASN B 106 -8.09 4.75 -10.86
N VAL B 107 -7.34 3.69 -11.17
CA VAL B 107 -7.41 2.46 -10.38
C VAL B 107 -6.03 1.95 -10.01
N GLY B 108 -5.60 2.29 -8.79
CA GLY B 108 -4.30 1.82 -8.35
C GLY B 108 -4.33 0.33 -8.06
N TRP B 109 -3.24 -0.34 -8.39
CA TRP B 109 -3.12 -1.76 -8.14
C TRP B 109 -1.67 -2.21 -8.12
N ASN B 110 -1.30 -2.97 -7.09
CA ASN B 110 0.05 -3.50 -6.95
C ASN B 110 1.15 -2.48 -7.14
N GLY B 111 0.93 -1.23 -6.74
CA GLY B 111 2.00 -0.26 -6.88
C GLY B 111 1.84 0.80 -7.94
N SER B 112 1.00 0.52 -8.92
CA SER B 112 0.75 1.49 -9.99
C SER B 112 -0.74 1.45 -10.32
N THR B 113 -1.11 1.94 -11.50
CA THR B 113 -2.50 1.94 -11.92
C THR B 113 -2.62 1.06 -13.17
N PHE B 114 -3.83 0.96 -13.73
CA PHE B 114 -4.05 0.16 -14.92
C PHE B 114 -3.82 0.97 -16.20
N ALA B 115 -3.31 2.19 -16.02
CA ALA B 115 -3.01 3.05 -17.15
C ALA B 115 -1.54 2.81 -17.51
N MET C 1 -33.91 8.59 -7.23
CA MET C 1 -34.13 7.59 -6.14
C MET C 1 -32.86 7.47 -5.31
N PRO C 2 -32.70 8.39 -4.35
CA PRO C 2 -31.60 8.59 -3.40
C PRO C 2 -31.28 7.57 -2.30
N VAL C 3 -30.01 7.60 -1.89
CA VAL C 3 -29.47 6.77 -0.83
C VAL C 3 -28.58 7.74 -0.08
N PHE C 4 -28.68 7.75 1.24
CA PHE C 4 -27.86 8.65 2.04
C PHE C 4 -27.23 7.85 3.15
N THR C 5 -25.91 7.87 3.23
CA THR C 5 -25.28 7.12 4.30
C THR C 5 -24.38 8.00 5.14
N ILE C 6 -24.27 7.64 6.43
CA ILE C 6 -23.43 8.34 7.39
C ILE C 6 -22.38 7.37 7.92
N ARG C 7 -21.11 7.73 7.78
CA ARG C 7 -20.02 6.90 8.27
C ARG C 7 -19.38 7.77 9.35
N THR C 8 -19.51 7.35 10.62
CA THR C 8 -18.96 8.11 11.74
C THR C 8 -18.23 7.26 12.78
N ASN C 9 -17.38 7.91 13.56
CA ASN C 9 -16.66 7.21 14.62
C ASN C 9 -17.51 7.20 15.90
N VAL C 10 -18.57 8.00 15.92
CA VAL C 10 -19.47 8.03 17.07
C VAL C 10 -19.95 6.59 17.32
N CYS C 11 -20.17 6.25 18.59
CA CYS C 11 -20.60 4.90 18.93
C CYS C 11 -22.08 4.62 18.69
N ARG C 12 -22.35 3.38 18.27
CA ARG C 12 -23.69 2.90 17.97
C ARG C 12 -24.74 3.38 18.98
N ASP C 13 -24.32 3.46 20.24
CA ASP C 13 -25.23 3.85 21.32
C ASP C 13 -25.69 5.29 21.32
N SER C 14 -25.06 6.14 20.52
CA SER C 14 -25.46 7.53 20.48
C SER C 14 -26.36 7.78 19.28
N VAL C 15 -26.67 6.69 18.59
CA VAL C 15 -27.51 6.75 17.40
C VAL C 15 -29.00 6.79 17.76
N PRO C 16 -29.61 7.97 17.68
CA PRO C 16 -31.03 8.09 18.01
C PRO C 16 -31.79 7.02 17.24
N ASP C 17 -32.69 6.32 17.92
CA ASP C 17 -33.48 5.29 17.28
C ASP C 17 -34.50 5.91 16.33
N THR C 18 -34.40 7.22 16.15
CA THR C 18 -35.30 7.95 15.25
C THR C 18 -34.63 8.25 13.91
N LEU C 19 -33.32 8.52 13.94
CA LEU C 19 -32.55 8.87 12.76
C LEU C 19 -33.03 8.33 11.44
N LEU C 20 -33.15 7.01 11.35
CA LEU C 20 -33.62 6.36 10.11
C LEU C 20 -34.91 6.98 9.55
N SER C 21 -36.00 6.94 10.31
CA SER C 21 -37.26 7.54 9.83
C SER C 21 -37.08 9.03 9.61
N ASP C 22 -36.30 9.62 10.50
CA ASP C 22 -35.97 11.03 10.52
C ASP C 22 -35.30 11.56 9.24
N LEU C 23 -34.19 10.93 8.83
CA LEU C 23 -33.46 11.31 7.64
C LEU C 23 -34.29 10.97 6.41
N THR C 24 -35.20 10.01 6.54
CA THR C 24 -36.04 9.60 5.42
C THR C 24 -37.10 10.66 5.16
N LYS C 25 -37.73 11.09 6.23
CA LYS C 25 -38.78 12.09 6.17
C LYS C 25 -38.24 13.41 5.64
N GLN C 26 -37.08 13.79 6.14
CA GLN C 26 -36.45 15.04 5.75
C GLN C 26 -35.93 15.06 4.31
N LEU C 27 -35.11 14.08 3.94
CA LEU C 27 -34.58 14.03 2.58
C LEU C 27 -35.73 13.97 1.58
N ALA C 28 -36.76 13.20 1.91
CA ALA C 28 -37.93 13.10 1.06
C ALA C 28 -38.43 14.50 0.70
N LYS C 29 -38.66 15.34 1.71
CA LYS C 29 -39.11 16.72 1.47
C LYS C 29 -38.05 17.46 0.68
N ALA C 30 -36.88 17.60 1.28
CA ALA C 30 -35.76 18.29 0.67
C ALA C 30 -35.64 18.02 -0.82
N THR C 31 -35.34 16.78 -1.19
CA THR C 31 -35.17 16.40 -2.60
C THR C 31 -36.48 16.24 -3.36
N GLY C 32 -37.59 16.26 -2.64
CA GLY C 32 -38.87 16.09 -3.30
C GLY C 32 -38.95 14.74 -4.00
N LYS C 33 -38.29 13.74 -3.46
CA LYS C 33 -38.33 12.39 -4.03
C LYS C 33 -39.08 11.45 -3.08
N PRO C 34 -39.82 10.47 -3.65
CA PRO C 34 -40.59 9.49 -2.87
C PRO C 34 -39.86 8.90 -1.67
N ALA C 35 -40.51 8.96 -0.51
CA ALA C 35 -39.95 8.43 0.72
C ALA C 35 -39.67 6.93 0.60
N GLU C 36 -40.45 6.24 -0.22
CA GLU C 36 -40.29 4.80 -0.41
C GLU C 36 -39.04 4.47 -1.22
N TYR C 37 -38.60 5.42 -2.04
CA TYR C 37 -37.42 5.19 -2.86
C TYR C 37 -36.13 5.68 -2.24
N ILE C 38 -36.18 6.01 -0.96
CA ILE C 38 -34.99 6.47 -0.22
C ILE C 38 -34.51 5.40 0.75
N ALA C 39 -33.22 5.14 0.72
CA ALA C 39 -32.61 4.16 1.61
C ALA C 39 -31.55 4.91 2.45
N ILE C 40 -31.55 4.68 3.76
CA ILE C 40 -30.58 5.32 4.64
C ILE C 40 -29.68 4.25 5.26
N HIS C 41 -28.39 4.56 5.34
CA HIS C 41 -27.40 3.64 5.90
C HIS C 41 -26.57 4.38 6.95
N ILE C 42 -26.62 3.89 8.18
CA ILE C 42 -25.87 4.49 9.28
C ILE C 42 -24.74 3.56 9.74
N VAL C 43 -23.49 4.07 9.71
CA VAL C 43 -22.31 3.29 10.11
C VAL C 43 -21.52 3.91 11.26
N PRO C 44 -21.79 3.47 12.50
CA PRO C 44 -21.09 3.98 13.69
C PRO C 44 -19.90 3.11 14.10
N ASP C 45 -19.38 3.35 15.31
CA ASP C 45 -18.25 2.60 15.87
C ASP C 45 -17.01 2.55 14.98
N GLN C 46 -17.02 3.37 13.93
CA GLN C 46 -15.93 3.40 12.97
C GLN C 46 -14.60 4.05 13.39
N ILE C 47 -13.52 3.54 12.78
CA ILE C 47 -12.16 4.03 13.01
C ILE C 47 -11.84 5.16 12.02
N MET C 48 -12.02 6.40 12.45
CA MET C 48 -11.71 7.51 11.57
C MET C 48 -11.22 8.75 12.29
N SER C 49 -10.47 9.55 11.56
CA SER C 49 -9.93 10.78 12.08
C SER C 49 -10.25 11.89 11.09
N PHE C 50 -10.21 13.12 11.57
CA PHE C 50 -10.50 14.26 10.74
C PHE C 50 -9.52 15.32 11.21
N GLY C 51 -8.72 15.86 10.29
CA GLY C 51 -7.74 16.86 10.66
C GLY C 51 -6.80 16.30 11.71
N ASP C 52 -6.66 14.97 11.71
CA ASP C 52 -5.76 14.30 12.64
C ASP C 52 -6.31 14.21 14.07
N SER C 53 -7.62 14.26 14.20
CA SER C 53 -8.26 14.16 15.50
C SER C 53 -9.27 13.02 15.44
N THR C 54 -9.30 12.18 16.45
CA THR C 54 -10.24 11.07 16.45
C THR C 54 -11.56 11.44 17.12
N ASP C 55 -11.79 12.75 17.25
CA ASP C 55 -13.01 13.26 17.87
C ASP C 55 -14.14 13.02 16.87
N PRO C 56 -15.41 13.07 17.35
CA PRO C 56 -16.60 12.86 16.51
C PRO C 56 -16.60 13.60 15.19
N CYS C 57 -16.71 12.82 14.11
CA CYS C 57 -16.72 13.35 12.75
C CYS C 57 -17.56 12.44 11.88
N ALA C 58 -17.71 12.79 10.60
CA ALA C 58 -18.48 11.95 9.70
C ALA C 58 -18.19 12.23 8.24
N VAL C 59 -18.25 11.18 7.43
CA VAL C 59 -18.09 11.31 5.99
C VAL C 59 -19.34 10.67 5.45
N CYS C 60 -20.19 11.50 4.86
CA CYS C 60 -21.46 11.03 4.32
C CYS C 60 -21.45 11.11 2.82
N SER C 61 -22.50 10.58 2.23
CA SER C 61 -22.65 10.57 0.79
C SER C 61 -24.11 10.49 0.46
N LEU C 62 -24.54 11.31 -0.48
CA LEU C 62 -25.91 11.32 -0.93
C LEU C 62 -25.88 11.02 -2.42
N CYS C 63 -26.44 9.87 -2.81
CA CYS C 63 -26.49 9.46 -4.22
C CYS C 63 -27.94 9.61 -4.64
N SER C 64 -28.17 10.32 -5.74
CA SER C 64 -29.53 10.54 -6.20
C SER C 64 -29.54 10.70 -7.71
N ILE C 65 -30.55 10.12 -8.36
CA ILE C 65 -30.69 10.25 -9.81
C ILE C 65 -31.35 11.61 -10.00
N GLY C 66 -30.52 12.65 -10.06
CA GLY C 66 -31.06 13.99 -10.21
C GLY C 66 -31.21 14.61 -8.84
N LYS C 67 -31.83 15.79 -8.78
CA LYS C 67 -32.02 16.49 -7.51
C LYS C 67 -30.67 16.90 -6.94
N ILE C 68 -29.65 16.87 -7.79
CA ILE C 68 -28.30 17.23 -7.41
C ILE C 68 -27.81 18.39 -8.28
N GLY C 69 -27.39 19.47 -7.63
CA GLY C 69 -26.90 20.63 -8.33
C GLY C 69 -26.16 21.61 -7.44
N GLY C 70 -25.97 22.83 -7.94
CA GLY C 70 -25.27 23.83 -7.15
C GLY C 70 -26.00 24.18 -5.88
N PRO C 71 -26.95 25.12 -5.95
CA PRO C 71 -27.70 25.52 -4.76
C PRO C 71 -28.35 24.36 -4.00
N GLN C 72 -28.71 23.28 -4.70
CA GLN C 72 -29.31 22.16 -3.99
C GLN C 72 -28.36 21.61 -2.92
N ASN C 73 -27.19 21.16 -3.34
CA ASN C 73 -26.20 20.60 -2.42
C ASN C 73 -25.94 21.45 -1.17
N LYS C 74 -25.91 22.79 -1.31
CA LYS C 74 -25.71 23.66 -0.15
C LYS C 74 -26.91 23.48 0.78
N SER C 75 -28.11 23.61 0.21
CA SER C 75 -29.31 23.43 0.96
C SER C 75 -29.24 22.09 1.71
N TYR C 76 -28.97 21.01 0.99
CA TYR C 76 -28.87 19.69 1.63
C TYR C 76 -27.89 19.68 2.79
N THR C 77 -26.69 20.22 2.55
CA THR C 77 -25.64 20.29 3.57
C THR C 77 -26.15 20.91 4.87
N LYS C 78 -26.60 22.17 4.79
CA LYS C 78 -27.12 22.85 5.97
C LYS C 78 -28.15 21.97 6.67
N LEU C 79 -29.01 21.32 5.87
CA LEU C 79 -30.05 20.41 6.38
C LEU C 79 -29.40 19.25 7.12
N LEU C 80 -28.62 18.46 6.38
CA LEU C 80 -27.92 17.30 6.96
C LEU C 80 -26.96 17.66 8.11
N CYS C 81 -26.33 18.83 8.02
CA CYS C 81 -25.42 19.25 9.09
C CYS C 81 -26.18 19.63 10.35
N ASP C 82 -27.38 20.18 10.19
CA ASP C 82 -28.19 20.54 11.33
C ASP C 82 -28.61 19.27 12.04
N ILE C 83 -29.08 18.30 11.25
CA ILE C 83 -29.55 17.02 11.77
C ILE C 83 -28.46 16.21 12.41
N LEU C 84 -27.29 16.23 11.81
CA LEU C 84 -26.19 15.46 12.34
C LEU C 84 -25.63 15.94 13.67
N THR C 85 -25.61 17.25 13.92
CA THR C 85 -25.08 17.73 15.21
C THR C 85 -26.13 17.55 16.28
N LYS C 86 -27.38 17.83 15.93
CA LYS C 86 -28.48 17.70 16.87
C LYS C 86 -28.65 16.25 17.31
N GLN C 87 -28.76 15.33 16.35
CA GLN C 87 -28.97 13.91 16.65
C GLN C 87 -27.75 13.11 17.08
N LEU C 88 -26.63 13.27 16.38
CA LEU C 88 -25.42 12.51 16.69
C LEU C 88 -24.37 13.31 17.47
N ASN C 89 -24.61 14.59 17.65
CA ASN C 89 -23.69 15.47 18.36
C ASN C 89 -22.38 15.63 17.63
N ILE C 90 -22.46 15.64 16.30
CA ILE C 90 -21.30 15.81 15.43
C ILE C 90 -21.22 17.25 14.91
N PRO C 91 -20.15 17.97 15.30
CA PRO C 91 -19.97 19.35 14.87
C PRO C 91 -19.98 19.46 13.34
N ALA C 92 -20.56 20.54 12.84
CA ALA C 92 -20.67 20.77 11.39
C ALA C 92 -19.33 20.81 10.65
N ASN C 93 -18.31 21.35 11.31
CA ASN C 93 -16.97 21.48 10.71
C ASN C 93 -16.18 20.17 10.57
N ARG C 94 -16.62 19.11 11.24
CA ARG C 94 -15.93 17.82 11.14
C ARG C 94 -16.80 16.84 10.38
N VAL C 95 -17.39 17.33 9.29
CA VAL C 95 -18.28 16.55 8.45
C VAL C 95 -18.17 16.85 6.97
N TYR C 96 -17.96 15.81 6.18
CA TYR C 96 -17.90 15.94 4.73
C TYR C 96 -19.11 15.24 4.16
N ILE C 97 -19.62 15.71 3.04
CA ILE C 97 -20.75 15.05 2.40
C ILE C 97 -20.50 15.05 0.91
N ASN C 98 -20.38 13.85 0.36
CA ASN C 98 -20.15 13.72 -1.07
C ASN C 98 -21.51 13.55 -1.75
N TYR C 99 -21.83 14.50 -2.64
CA TYR C 99 -23.08 14.47 -3.39
C TYR C 99 -22.82 13.85 -4.77
N TYR C 100 -23.73 12.97 -5.21
CA TYR C 100 -23.59 12.27 -6.49
C TYR C 100 -24.88 12.25 -7.31
N ASP C 101 -24.77 12.61 -8.59
CA ASP C 101 -25.91 12.61 -9.50
C ASP C 101 -25.83 11.35 -10.37
N LEU C 102 -26.56 10.32 -10.01
CA LEU C 102 -26.52 9.07 -10.77
C LEU C 102 -27.33 9.11 -12.06
N ASN C 103 -26.89 8.30 -13.02
CA ASN C 103 -27.58 8.20 -14.30
C ASN C 103 -28.49 6.97 -14.19
N ALA C 104 -29.77 7.14 -14.51
CA ALA C 104 -30.75 6.07 -14.42
C ALA C 104 -30.28 4.71 -14.96
N ALA C 105 -29.59 4.74 -16.10
CA ALA C 105 -29.09 3.50 -16.69
C ALA C 105 -28.05 2.80 -15.82
N ASN C 106 -27.49 3.51 -14.84
CA ASN C 106 -26.49 2.96 -13.93
C ASN C 106 -27.00 2.64 -12.51
N VAL C 107 -28.31 2.44 -12.38
CA VAL C 107 -28.90 2.13 -11.08
C VAL C 107 -29.83 0.93 -11.13
N GLY C 108 -29.29 -0.24 -10.79
CA GLY C 108 -30.11 -1.43 -10.81
C GLY C 108 -31.12 -1.39 -9.67
N TRP C 109 -32.32 -1.90 -9.95
CA TRP C 109 -33.37 -1.97 -8.96
C TRP C 109 -34.43 -2.99 -9.33
N ASN C 110 -34.77 -3.85 -8.36
CA ASN C 110 -35.80 -4.88 -8.55
C ASN C 110 -35.64 -5.70 -9.82
N GLY C 111 -34.41 -5.96 -10.25
CA GLY C 111 -34.26 -6.78 -11.44
C GLY C 111 -33.79 -6.09 -12.69
N SER C 112 -33.99 -4.78 -12.77
CA SER C 112 -33.55 -4.02 -13.92
C SER C 112 -32.98 -2.69 -13.43
N THR C 113 -32.90 -1.71 -14.32
CA THR C 113 -32.38 -0.40 -13.95
C THR C 113 -33.49 0.63 -14.11
N PHE C 114 -33.19 1.90 -13.86
CA PHE C 114 -34.18 2.95 -14.00
C PHE C 114 -34.19 3.52 -15.42
N ALA C 115 -33.44 2.88 -16.30
CA ALA C 115 -33.38 3.29 -17.69
C ALA C 115 -34.45 2.49 -18.45
N MET D 1 52.77 1.88 6.29
CA MET D 1 51.76 1.47 5.26
C MET D 1 52.46 0.61 4.21
N PRO D 2 52.59 -0.69 4.51
CA PRO D 2 53.22 -1.78 3.76
C PRO D 2 52.68 -2.27 2.41
N VAL D 3 53.60 -2.84 1.64
CA VAL D 3 53.34 -3.44 0.35
C VAL D 3 54.16 -4.72 0.39
N PHE D 4 53.57 -5.84 -0.01
CA PHE D 4 54.30 -7.09 -0.02
C PHE D 4 54.11 -7.75 -1.36
N THR D 5 55.20 -8.04 -2.06
CA THR D 5 55.03 -8.68 -3.33
C THR D 5 55.79 -10.00 -3.41
N ILE D 6 55.25 -10.93 -4.20
CA ILE D 6 55.86 -12.24 -4.43
C ILE D 6 56.16 -12.37 -5.92
N ARG D 7 57.42 -12.65 -6.26
CA ARG D 7 57.83 -12.84 -7.63
C ARG D 7 58.29 -14.30 -7.67
N THR D 8 57.55 -15.15 -8.37
CA THR D 8 57.88 -16.57 -8.45
C THR D 8 57.75 -17.16 -9.84
N ASN D 9 58.41 -18.30 -10.06
CA ASN D 9 58.34 -18.98 -11.34
C ASN D 9 57.15 -19.93 -11.36
N VAL D 10 56.56 -20.17 -10.19
CA VAL D 10 55.37 -21.03 -10.09
C VAL D 10 54.31 -20.45 -11.05
N CYS D 11 53.52 -21.33 -11.66
CA CYS D 11 52.51 -20.89 -12.61
C CYS D 11 51.25 -20.31 -11.98
N ARG D 12 50.70 -19.30 -12.65
CA ARG D 12 49.50 -18.59 -12.22
C ARG D 12 48.42 -19.52 -11.66
N ASP D 13 48.32 -20.70 -12.25
CA ASP D 13 47.30 -21.66 -11.84
C ASP D 13 47.47 -22.30 -10.48
N SER D 14 48.63 -22.14 -9.87
CA SER D 14 48.86 -22.72 -8.57
C SER D 14 48.67 -21.67 -7.49
N VAL D 15 48.24 -20.49 -7.93
CA VAL D 15 48.01 -19.36 -7.04
C VAL D 15 46.64 -19.46 -6.37
N PRO D 16 46.61 -19.86 -5.08
CA PRO D 16 45.34 -19.97 -4.38
C PRO D 16 44.58 -18.66 -4.54
N ASP D 17 43.30 -18.76 -4.85
CA ASP D 17 42.49 -17.57 -5.04
C ASP D 17 42.22 -16.90 -3.70
N THR D 18 42.88 -17.39 -2.67
CA THR D 18 42.76 -16.83 -1.31
C THR D 18 43.95 -15.96 -0.96
N LEU D 19 45.14 -16.34 -1.43
CA LEU D 19 46.37 -15.62 -1.14
C LEU D 19 46.26 -14.14 -0.86
N LEU D 20 45.66 -13.40 -1.80
CA LEU D 20 45.51 -11.95 -1.63
C LEU D 20 44.88 -11.56 -0.29
N SER D 21 43.66 -12.00 -0.01
CA SER D 21 43.01 -11.68 1.29
C SER D 21 43.83 -12.26 2.43
N ASP D 22 44.38 -13.44 2.16
CA ASP D 22 45.20 -14.19 3.09
C ASP D 22 46.45 -13.45 3.61
N LEU D 23 47.28 -13.00 2.68
CA LEU D 23 48.51 -12.28 3.02
C LEU D 23 48.15 -10.92 3.60
N THR D 24 46.97 -10.41 3.28
CA THR D 24 46.53 -9.12 3.78
C THR D 24 46.14 -9.25 5.25
N LYS D 25 45.38 -10.28 5.55
CA LYS D 25 44.90 -10.54 6.89
C LYS D 25 46.07 -10.81 7.83
N GLN D 26 47.00 -11.62 7.34
CA GLN D 26 48.17 -12.00 8.13
C GLN D 26 49.16 -10.86 8.38
N LEU D 27 49.61 -10.21 7.32
CA LEU D 27 50.55 -9.10 7.48
C LEU D 27 49.95 -8.02 8.37
N ALA D 28 48.66 -7.77 8.19
CA ALA D 28 47.97 -6.79 9.02
C ALA D 28 48.22 -7.08 10.50
N LYS D 29 47.98 -8.33 10.91
CA LYS D 29 48.21 -8.73 12.31
C LYS D 29 49.69 -8.57 12.61
N ALA D 30 50.50 -9.36 11.91
CA ALA D 30 51.95 -9.35 12.07
C ALA D 30 52.51 -7.96 12.32
N THR D 31 52.43 -7.09 11.33
CA THR D 31 52.96 -5.73 11.44
C THR D 31 52.07 -4.79 12.24
N GLY D 32 50.88 -5.23 12.59
CA GLY D 32 49.99 -4.37 13.35
C GLY D 32 49.67 -3.10 12.59
N LYS D 33 49.63 -3.19 11.27
CA LYS D 33 49.29 -2.03 10.44
C LYS D 33 47.94 -2.24 9.77
N PRO D 34 47.15 -1.17 9.60
CA PRO D 34 45.82 -1.22 8.96
C PRO D 34 45.75 -2.09 7.69
N ALA D 35 44.78 -2.99 7.68
CA ALA D 35 44.57 -3.88 6.54
C ALA D 35 44.28 -3.09 5.26
N GLU D 36 43.68 -1.91 5.42
CA GLU D 36 43.32 -1.07 4.28
C GLU D 36 44.54 -0.42 3.65
N TYR D 37 45.60 -0.25 4.44
CA TYR D 37 46.81 0.36 3.95
C TYR D 37 47.86 -0.61 3.43
N ILE D 38 47.46 -1.87 3.27
CA ILE D 38 48.35 -2.92 2.77
C ILE D 38 47.96 -3.30 1.34
N ALA D 39 48.96 -3.37 0.48
CA ALA D 39 48.76 -3.75 -0.91
C ALA D 39 49.61 -5.00 -1.17
N ILE D 40 49.03 -6.01 -1.81
CA ILE D 40 49.75 -7.24 -2.12
C ILE D 40 49.85 -7.38 -3.64
N HIS D 41 51.03 -7.81 -4.09
CA HIS D 41 51.30 -7.99 -5.52
C HIS D 41 51.86 -9.40 -5.74
N ILE D 42 51.17 -10.21 -6.54
CA ILE D 42 51.61 -11.57 -6.82
C ILE D 42 52.02 -11.70 -8.30
N VAL D 43 53.28 -12.12 -8.54
CA VAL D 43 53.81 -12.28 -9.90
C VAL D 43 54.27 -13.69 -10.23
N PRO D 44 53.41 -14.50 -10.86
CA PRO D 44 53.73 -15.87 -11.24
C PRO D 44 54.23 -16.00 -12.69
N ASP D 45 54.31 -17.24 -13.19
CA ASP D 45 54.75 -17.54 -14.55
C ASP D 45 56.11 -16.95 -14.91
N GLN D 46 56.82 -16.45 -13.91
CA GLN D 46 58.12 -15.81 -14.12
C GLN D 46 59.33 -16.69 -14.45
N ILE D 47 60.27 -16.09 -15.19
CA ILE D 47 61.50 -16.76 -15.60
C ILE D 47 62.58 -16.53 -14.54
N MET D 48 62.75 -17.48 -13.63
CA MET D 48 63.78 -17.32 -12.62
C MET D 48 64.39 -18.62 -12.16
N SER D 49 65.62 -18.50 -11.67
CA SER D 49 66.36 -19.64 -11.16
C SER D 49 66.90 -19.28 -9.78
N PHE D 50 67.21 -20.31 -9.02
CA PHE D 50 67.73 -20.12 -7.68
C PHE D 50 68.79 -21.20 -7.53
N GLY D 51 70.02 -20.81 -7.20
CA GLY D 51 71.07 -21.78 -7.06
C GLY D 51 71.26 -22.54 -8.36
N ASP D 52 70.87 -21.92 -9.46
CA ASP D 52 71.00 -22.53 -10.78
C ASP D 52 69.96 -23.61 -11.06
N SER D 53 68.82 -23.54 -10.39
CA SER D 53 67.76 -24.50 -10.59
C SER D 53 66.50 -23.72 -10.93
N THR D 54 65.75 -24.17 -11.93
CA THR D 54 64.53 -23.48 -12.30
C THR D 54 63.32 -24.02 -11.55
N ASP D 55 63.58 -24.75 -10.48
CA ASP D 55 62.52 -25.31 -9.65
C ASP D 55 61.86 -24.18 -8.89
N PRO D 56 60.63 -24.39 -8.38
CA PRO D 56 59.87 -23.38 -7.63
C PRO D 56 60.67 -22.60 -6.58
N CYS D 57 60.68 -21.28 -6.76
CA CYS D 57 61.41 -20.37 -5.87
C CYS D 57 60.67 -19.03 -5.85
N ALA D 58 61.16 -18.10 -5.04
CA ALA D 58 60.53 -16.79 -4.99
C ALA D 58 61.44 -15.73 -4.40
N VAL D 59 61.30 -14.51 -4.91
CA VAL D 59 62.04 -13.36 -4.40
C VAL D 59 60.93 -12.37 -4.07
N CYS D 60 60.76 -12.15 -2.77
CA CYS D 60 59.72 -11.25 -2.29
C CYS D 60 60.34 -10.00 -1.71
N SER D 61 59.48 -9.06 -1.37
CA SER D 61 59.91 -7.81 -0.79
C SER D 61 58.77 -7.24 0.00
N LEU D 62 59.10 -6.78 1.20
CA LEU D 62 58.12 -6.16 2.08
C LEU D 62 58.60 -4.74 2.35
N CYS D 63 57.83 -3.76 1.88
CA CYS D 63 58.17 -2.34 2.08
C CYS D 63 57.16 -1.82 3.10
N SER D 64 57.68 -1.20 4.15
CA SER D 64 56.80 -0.68 5.19
C SER D 64 57.42 0.54 5.84
N ILE D 65 56.59 1.54 6.14
CA ILE D 65 57.07 2.74 6.82
C ILE D 65 57.12 2.34 8.30
N GLY D 66 58.24 1.76 8.70
CA GLY D 66 58.39 1.31 10.07
C GLY D 66 57.96 -0.15 10.16
N LYS D 67 57.87 -0.67 11.37
CA LYS D 67 57.50 -2.08 11.59
C LYS D 67 58.58 -2.98 11.01
N ILE D 68 59.75 -2.40 10.76
CA ILE D 68 60.88 -3.12 10.19
C ILE D 68 62.06 -3.03 11.16
N GLY D 69 62.59 -4.19 11.54
CA GLY D 69 63.72 -4.23 12.45
C GLY D 69 64.37 -5.59 12.51
N GLY D 70 65.19 -5.80 13.54
CA GLY D 70 65.88 -7.07 13.69
C GLY D 70 64.91 -8.22 13.88
N PRO D 71 64.51 -8.48 15.14
CA PRO D 71 63.59 -9.57 15.43
C PRO D 71 62.31 -9.53 14.60
N GLN D 72 61.85 -8.35 14.19
CA GLN D 72 60.64 -8.30 13.38
C GLN D 72 60.81 -9.12 12.09
N ASN D 73 61.79 -8.73 11.26
CA ASN D 73 62.05 -9.40 9.99
C ASN D 73 62.12 -10.93 10.09
N LYS D 74 62.70 -11.46 11.17
CA LYS D 74 62.77 -12.92 11.35
C LYS D 74 61.34 -13.43 11.50
N SER D 75 60.61 -12.80 12.41
CA SER D 75 59.23 -13.17 12.65
C SER D 75 58.49 -13.17 11.30
N TYR D 76 58.56 -12.06 10.56
CA TYR D 76 57.90 -11.97 9.26
C TYR D 76 58.29 -13.13 8.34
N THR D 77 59.59 -13.38 8.21
CA THR D 77 60.10 -14.46 7.37
C THR D 77 59.42 -15.80 7.67
N LYS D 78 59.56 -16.28 8.91
CA LYS D 78 58.94 -17.53 9.30
C LYS D 78 57.47 -17.53 8.90
N LEU D 79 56.80 -16.38 9.13
CA LEU D 79 55.38 -16.21 8.78
C LEU D 79 55.20 -16.39 7.27
N LEU D 80 55.81 -15.49 6.51
CA LEU D 80 55.73 -15.52 5.05
C LEU D 80 56.25 -16.84 4.43
N CYS D 81 57.28 -17.44 5.04
CA CYS D 81 57.78 -18.71 4.52
C CYS D 81 56.80 -19.85 4.77
N ASP D 82 56.09 -19.80 5.89
CA ASP D 82 55.10 -20.83 6.19
C ASP D 82 53.97 -20.73 5.18
N ILE D 83 53.51 -19.51 4.95
CA ILE D 83 52.42 -19.24 4.00
C ILE D 83 52.79 -19.58 2.57
N LEU D 84 54.00 -19.26 2.18
CA LEU D 84 54.42 -19.52 0.82
C LEU D 84 54.57 -21.00 0.46
N THR D 85 54.99 -21.85 1.39
CA THR D 85 55.15 -23.26 1.04
C THR D 85 53.78 -23.92 1.07
N LYS D 86 52.98 -23.57 2.08
CA LYS D 86 51.64 -24.11 2.20
C LYS D 86 50.77 -23.76 1.01
N GLN D 87 50.69 -22.47 0.68
CA GLN D 87 49.85 -22.00 -0.42
C GLN D 87 50.39 -22.17 -1.84
N LEU D 88 51.66 -21.83 -2.05
CA LEU D 88 52.27 -21.93 -3.39
C LEU D 88 53.16 -23.14 -3.57
N ASN D 89 53.37 -23.89 -2.49
CA ASN D 89 54.22 -25.08 -2.55
C ASN D 89 55.68 -24.75 -2.85
N ILE D 90 56.12 -23.60 -2.33
CA ILE D 90 57.48 -23.13 -2.50
C ILE D 90 58.29 -23.41 -1.24
N PRO D 91 59.34 -24.27 -1.37
CA PRO D 91 60.19 -24.59 -0.22
C PRO D 91 60.81 -23.35 0.39
N ALA D 92 60.92 -23.34 1.71
CA ALA D 92 61.47 -22.20 2.44
C ALA D 92 62.90 -21.81 2.04
N ASN D 93 63.73 -22.81 1.71
CA ASN D 93 65.13 -22.58 1.32
C ASN D 93 65.33 -21.95 -0.07
N ARG D 94 64.29 -21.92 -0.90
CA ARG D 94 64.42 -21.32 -2.22
C ARG D 94 63.59 -20.04 -2.27
N VAL D 95 63.71 -19.25 -1.20
CA VAL D 95 62.97 -18.01 -1.06
C VAL D 95 63.75 -16.92 -0.36
N TYR D 96 63.82 -15.75 -1.01
CA TYR D 96 64.48 -14.59 -0.43
C TYR D 96 63.40 -13.55 -0.17
N ILE D 97 63.58 -12.74 0.87
CA ILE D 97 62.62 -11.68 1.16
C ILE D 97 63.41 -10.46 1.54
N ASN D 98 63.26 -9.41 0.73
CA ASN D 98 63.94 -8.17 1.02
C ASN D 98 63.00 -7.29 1.83
N TYR D 99 63.43 -6.92 3.03
CA TYR D 99 62.65 -6.07 3.93
C TYR D 99 63.15 -4.63 3.79
N TYR D 100 62.22 -3.68 3.71
CA TYR D 100 62.55 -2.26 3.55
C TYR D 100 61.78 -1.33 4.49
N ASP D 101 62.50 -0.44 5.16
CA ASP D 101 61.88 0.53 6.07
C ASP D 101 61.80 1.88 5.35
N LEU D 102 60.64 2.20 4.80
CA LEU D 102 60.49 3.46 4.07
C LEU D 102 60.31 4.68 4.97
N ASN D 103 60.73 5.82 4.44
CA ASN D 103 60.60 7.08 5.16
C ASN D 103 59.33 7.74 4.63
N ALA D 104 58.45 8.13 5.56
CA ALA D 104 57.16 8.74 5.20
C ALA D 104 57.25 9.79 4.09
N ALA D 105 58.26 10.64 4.13
CA ALA D 105 58.43 11.67 3.12
C ALA D 105 58.70 11.09 1.72
N ASN D 106 59.06 9.81 1.66
CA ASN D 106 59.35 9.14 0.38
C ASN D 106 58.25 8.17 -0.10
N VAL D 107 57.02 8.37 0.37
CA VAL D 107 55.92 7.51 -0.02
C VAL D 107 54.70 8.31 -0.44
N GLY D 108 54.55 8.49 -1.75
CA GLY D 108 53.42 9.22 -2.25
C GLY D 108 52.15 8.40 -2.09
N TRP D 109 51.05 9.09 -1.78
CA TRP D 109 49.77 8.43 -1.64
C TRP D 109 48.62 9.42 -1.75
N ASN D 110 47.63 9.07 -2.57
CA ASN D 110 46.45 9.91 -2.78
C ASN D 110 46.74 11.37 -3.06
N GLY D 111 47.83 11.68 -3.74
CA GLY D 111 48.09 13.06 -4.05
C GLY D 111 49.23 13.73 -3.32
N SER D 112 49.60 13.17 -2.17
CA SER D 112 50.71 13.72 -1.40
C SER D 112 51.51 12.56 -0.83
N THR D 113 52.31 12.82 0.20
CA THR D 113 53.11 11.77 0.83
C THR D 113 52.65 11.59 2.26
N PHE D 114 53.29 10.70 3.00
CA PHE D 114 52.93 10.47 4.39
C PHE D 114 53.69 11.41 5.34
N ALA D 115 54.40 12.36 4.76
CA ALA D 115 55.14 13.34 5.53
C ALA D 115 54.20 14.54 5.72
#